data_7SDF
#
_entry.id   7SDF
#
_cell.length_a   106.173
_cell.length_b   106.173
_cell.length_c   92.653
_cell.angle_alpha   90.000
_cell.angle_beta   90.000
_cell.angle_gamma   120.000
#
_symmetry.space_group_name_H-M   'H 3'
#
loop_
_entity.id
_entity.type
_entity.pdbx_description
1 polymer "DNA (5'-D(*GP*AP*GP*CP*AP*GP*CP*CP*TP*GP*TP*CP*TP*GP*GP*AP*CP*AP*TP*CP*A)-3')"
2 polymer "DNA (5'-D(P*CP*CP*AP*(IMC)P*AP*CP*A)-3')"
3 polymer "DNA (5'-D(P*GP*GP*CP*TP*GP*CP*T)-3')"
4 polymer "DNA (5'-D(P*CP*TP*GP*AP*TP*GP*T)-3')"
5 non-polymer 'SILVER ION'
#
loop_
_entity_poly.entity_id
_entity_poly.type
_entity_poly.pdbx_seq_one_letter_code
_entity_poly.pdbx_strand_id
1 'polydeoxyribonucleotide'
;(DG)(DA)(DG)(DC)(DA)(DG)(DC)(DC)(DT)(DG)(DT)(DC)(DT)(DG)(DG)(DA)(DC)(DA)(DT)(DC)
(DA)
;
A
2 'polydeoxyribonucleotide' (DC)(DC)(DA)(IMC)(DA)(DC)(DA) B
3 'polydeoxyribonucleotide' (DG)(DG)(DC)(DT)(DG)(DC)(DT) C
4 'polydeoxyribonucleotide' (DC)(DT)(DG)(DA)(DT)(DG)(DT) D
#
loop_
_chem_comp.id
_chem_comp.type
_chem_comp.name
_chem_comp.formula
AG non-polymer 'SILVER ION' 'Ag 1'
DA DNA linking 2'-DEOXYADENOSINE-5'-MONOPHOSPHATE 'C10 H14 N5 O6 P'
DC DNA linking 2'-DEOXYCYTIDINE-5'-MONOPHOSPHATE 'C9 H14 N3 O7 P'
DG DNA linking 2'-DEOXYGUANOSINE-5'-MONOPHOSPHATE 'C10 H14 N5 O7 P'
DT DNA linking THYMIDINE-5'-MONOPHOSPHATE 'C10 H15 N2 O8 P'
IMC DNA linking N1-[2-DEOXY-RIBOFURANOSYL]-[2-AMINO-5-METHYL-4-OXO-4H-PYRIMIDINE]-5'-MONOPHOSPHATE 'C10 H16 N3 O7 P'
#
# COMPACT_ATOMS: atom_id res chain seq x y z
P IMC B 4 -1.34 1.70 4.37
OP1 IMC B 4 -0.82 1.53 5.88
OP2 IMC B 4 -1.49 3.19 4.08
O5' IMC B 4 -0.27 0.95 3.28
C5' IMC B 4 -0.23 -0.46 3.34
C4' IMC B 4 0.66 -1.09 2.32
O4' IMC B 4 -0.12 -1.24 0.90
C1' IMC B 4 0.76 -0.90 0.00
N1 IMC B 4 0.12 -0.49 -1.27
C6 IMC B 4 -0.42 0.72 -1.40
C4 IMC B 4 -1.01 0.17 -3.64
O4 IMC B 4 -1.61 0.48 -4.90
N3 IMC B 4 -0.46 -1.03 -3.43
C2 IMC B 4 0.10 -1.37 -2.28
N2 IMC B 4 0.66 -2.68 -2.18
C5 IMC B 4 -1.02 1.09 -2.62
C5M IMC B 4 -1.69 2.52 -2.81
C2' IMC B 4 1.52 0.25 0.73
C3' IMC B 4 1.74 -0.36 2.12
O3' IMC B 4 2.94 -1.27 2.05
H5' IMC B 4 0.11 -0.74 4.27
H5'' IMC B 4 -1.18 -0.81 3.20
H4' IMC B 4 0.98 -2.11 2.67
H1' IMC B 4 1.46 -1.71 -0.25
H6 IMC B 4 -0.40 1.41 -0.60
HN21 IMC B 4 0.18 -3.43 -2.55
HN22 IMC B 4 1.56 -2.82 -1.75
H71 IMC B 4 -0.91 3.24 -3.27
H72 IMC B 4 -2.59 2.42 -3.52
H73 IMC B 4 -2.02 2.93 -1.79
H2' IMC B 4 2.43 0.46 0.26
H2'' IMC B 4 0.93 1.11 0.79
H3' IMC B 4 1.85 0.40 2.89
AG AG E . -0.42 -2.07 -4.88
#